data_6TM3
#
_entry.id   6TM3
#
_cell.length_a   125.754
_cell.length_b   125.754
_cell.length_c   125.754
_cell.angle_alpha   90.000
_cell.angle_beta   90.000
_cell.angle_gamma   90.000
#
_symmetry.space_group_name_H-M   'P 41 3 2'
#
loop_
_entity.id
_entity.type
_entity.pdbx_description
1 polymer 'Bifunctional protein MdtA'
2 non-polymer 'NADP NICOTINAMIDE-ADENINE-DINUCLEOTIDE PHOSPHATE'
3 non-polymer GLYCEROL
4 non-polymer '5,10-DIMETHYLENE TETRAHYDROMETHANOPTERIN'
5 non-polymer 1,2-ETHANEDIOL
6 non-polymer 'LITHIUM ION'
7 water water
#
_entity_poly.entity_id   1
_entity_poly.type   'polypeptide(L)'
_entity_poly.pdbx_seq_one_letter_code
;MSKKLLFQFDTDATPSVFDVVVGYDGGADHITGYGNVTPDNVGAYVDGTIYTRGGKEKQSTAIFVGGGDMAAGERVFEAV
KKRFFGPFRVSCMLDSNGSNTTAAAGVALVVKAAGGSVKGKKAVVLAGTGPVGMRSAALLAGEGAEVVLCGRKLDKAQAA
ADSVNKRFKVNVTAAETADDASRAEAVKGAHFVFTAGAIGLELLPQAAWQNESSIEIVADYNAQPPLGIGGIDATDKGKE
YGGKRAFGALGIGGLKLKLHRACIAKLFESSEGVFDAEEIYKLAKEMAVDKLAAALEHHHHHH
;
_entity_poly.pdbx_strand_id   A
#
loop_
_chem_comp.id
_chem_comp.type
_chem_comp.name
_chem_comp.formula
EDO non-polymer 1,2-ETHANEDIOL 'C2 H6 O2'
GOL non-polymer GLYCEROL 'C3 H8 O3'
H4M non-polymer '5,10-DIMETHYLENE TETRAHYDROMETHANOPTERIN' 'C31 H45 N6 O16 P'
LI non-polymer 'LITHIUM ION' 'Li 1'
NAP non-polymer 'NADP NICOTINAMIDE-ADENINE-DINUCLEOTIDE PHOSPHATE' 'C21 H28 N7 O17 P3'
#
# COMPACT_ATOMS: atom_id res chain seq x y z
N SER A 2 27.71 6.17 13.94
CA SER A 2 27.50 6.43 12.53
C SER A 2 26.13 7.06 12.31
N LYS A 3 26.06 8.05 11.45
CA LYS A 3 24.77 8.63 11.09
CA LYS A 3 24.77 8.63 11.09
C LYS A 3 23.96 7.64 10.27
N LYS A 4 22.66 7.57 10.58
CA LYS A 4 21.71 6.73 9.86
C LYS A 4 21.27 7.48 8.61
N LEU A 5 21.74 7.02 7.46
CA LEU A 5 21.54 7.69 6.19
C LEU A 5 20.53 6.91 5.37
N LEU A 6 19.43 7.57 5.02
CA LEU A 6 18.41 6.99 4.15
C LEU A 6 18.55 7.60 2.76
N PHE A 7 18.68 6.75 1.76
CA PHE A 7 18.70 7.18 0.37
C PHE A 7 17.35 6.86 -0.23
N GLN A 8 16.66 7.90 -0.68
CA GLN A 8 15.31 7.83 -1.18
C GLN A 8 15.37 7.91 -2.70
N PHE A 9 14.93 6.84 -3.36
CA PHE A 9 14.99 6.72 -4.82
C PHE A 9 13.55 6.72 -5.32
N ASP A 10 13.13 7.82 -5.93
CA ASP A 10 11.75 8.02 -6.35
C ASP A 10 11.69 7.97 -7.86
N THR A 11 10.72 7.24 -8.39
CA THR A 11 10.54 7.14 -9.83
C THR A 11 9.85 8.36 -10.42
N ASP A 12 9.23 9.19 -9.60
CA ASP A 12 8.64 10.45 -10.06
C ASP A 12 9.75 11.47 -10.33
N ALA A 13 9.37 12.63 -10.86
CA ALA A 13 10.36 13.65 -11.19
C ALA A 13 11.13 14.14 -9.97
N THR A 14 10.51 14.18 -8.81
CA THR A 14 11.14 14.63 -7.58
C THR A 14 10.71 13.69 -6.46
N PRO A 15 11.47 13.65 -5.36
CA PRO A 15 11.12 12.74 -4.27
C PRO A 15 9.93 13.25 -3.47
N SER A 16 9.14 12.32 -2.96
CA SER A 16 7.96 12.66 -2.17
C SER A 16 8.31 13.38 -0.86
N VAL A 17 7.66 14.52 -0.63
CA VAL A 17 7.77 15.22 0.65
C VAL A 17 7.27 14.34 1.78
N PHE A 18 6.12 13.71 1.57
CA PHE A 18 5.52 12.83 2.57
C PHE A 18 6.55 11.84 3.10
N ASP A 19 7.22 11.16 2.18
CA ASP A 19 8.18 10.12 2.56
C ASP A 19 9.38 10.70 3.30
N VAL A 20 9.75 11.95 3.02
CA VAL A 20 10.83 12.59 3.78
C VAL A 20 10.42 12.77 5.23
N VAL A 21 9.25 13.35 5.48
CA VAL A 21 8.86 13.61 6.87
C VAL A 21 8.81 12.30 7.65
N VAL A 22 8.16 11.29 7.08
CA VAL A 22 8.00 10.05 7.81
C VAL A 22 9.34 9.36 8.00
N GLY A 23 10.25 9.48 7.03
CA GLY A 23 11.58 8.92 7.21
C GLY A 23 12.32 9.53 8.39
N TYR A 24 12.24 10.85 8.54
CA TYR A 24 12.85 11.50 9.70
C TYR A 24 12.16 11.08 10.97
N ASP A 25 10.83 11.10 11.00
CA ASP A 25 10.13 10.71 12.22
C ASP A 25 10.34 9.25 12.56
N GLY A 26 10.63 8.42 11.57
CA GLY A 26 10.87 7.01 11.77
C GLY A 26 12.26 6.64 12.21
N GLY A 27 13.19 7.58 12.18
CA GLY A 27 14.50 7.34 12.75
C GLY A 27 15.70 7.63 11.86
N ALA A 28 15.52 8.07 10.61
CA ALA A 28 16.68 8.45 9.82
C ALA A 28 17.34 9.69 10.41
N ASP A 29 18.67 9.74 10.34
CA ASP A 29 19.38 10.96 10.71
C ASP A 29 19.47 11.95 9.55
N HIS A 30 19.59 11.46 8.31
CA HIS A 30 19.66 12.29 7.12
C HIS A 30 18.99 11.55 6.00
N ILE A 31 18.23 12.27 5.19
CA ILE A 31 17.59 11.70 4.01
C ILE A 31 18.10 12.46 2.79
N THR A 32 18.57 11.71 1.79
CA THR A 32 19.03 12.25 0.53
C THR A 32 18.18 11.64 -0.57
N GLY A 33 17.47 12.48 -1.32
CA GLY A 33 16.47 12.03 -2.28
C GLY A 33 16.85 12.29 -3.72
N TYR A 34 16.46 11.33 -4.56
CA TYR A 34 16.65 11.34 -6.00
C TYR A 34 15.32 11.13 -6.67
N GLY A 35 15.07 11.88 -7.73
CA GLY A 35 13.97 11.61 -8.63
C GLY A 35 14.48 11.02 -9.94
N ASN A 36 13.52 10.67 -10.79
CA ASN A 36 13.81 10.10 -12.10
C ASN A 36 14.62 8.82 -12.03
N VAL A 37 14.46 8.05 -10.96
CA VAL A 37 15.24 6.84 -10.80
C VAL A 37 14.65 5.76 -11.70
N THR A 38 15.53 5.00 -12.33
CA THR A 38 15.16 3.92 -13.24
C THR A 38 15.98 2.68 -12.89
N PRO A 39 15.59 1.53 -13.45
CA PRO A 39 16.39 0.32 -13.20
C PRO A 39 17.79 0.46 -13.69
N ASP A 40 18.02 1.25 -14.74
CA ASP A 40 19.36 1.39 -15.29
C ASP A 40 20.23 2.31 -14.44
N ASN A 41 19.70 3.44 -13.94
CA ASN A 41 20.54 4.40 -13.22
C ASN A 41 20.67 4.09 -11.73
N VAL A 42 19.86 3.16 -11.20
CA VAL A 42 19.88 2.95 -9.76
C VAL A 42 21.13 2.17 -9.32
N GLY A 43 21.72 1.37 -10.21
CA GLY A 43 22.85 0.56 -9.80
C GLY A 43 23.99 1.37 -9.24
N ALA A 44 24.34 2.47 -9.92
CA ALA A 44 25.42 3.30 -9.43
C ALA A 44 25.09 3.96 -8.11
N TYR A 45 23.82 4.31 -7.90
CA TYR A 45 23.38 4.80 -6.59
C TYR A 45 23.60 3.74 -5.52
N VAL A 46 23.19 2.51 -5.81
CA VAL A 46 23.37 1.43 -4.83
C VAL A 46 24.84 1.21 -4.55
N ASP A 47 25.70 1.32 -5.57
CA ASP A 47 27.13 1.18 -5.32
C ASP A 47 27.58 2.12 -4.21
N GLY A 48 27.03 3.33 -4.17
CA GLY A 48 27.40 4.28 -3.13
C GLY A 48 27.02 3.82 -1.74
N THR A 49 26.02 2.95 -1.61
CA THR A 49 25.61 2.44 -0.32
C THR A 49 26.40 1.22 0.12
N ILE A 50 27.02 0.49 -0.80
CA ILE A 50 27.67 -0.79 -0.48
C ILE A 50 29.19 -0.70 -0.44
N TYR A 51 29.79 0.39 -0.92
CA TYR A 51 31.24 0.51 -0.96
C TYR A 51 31.79 1.56 0.00
N THR A 52 30.94 2.16 0.84
CA THR A 52 31.35 3.29 1.67
C THR A 52 31.50 2.96 3.16
N ARG A 53 30.89 1.88 3.62
CA ARG A 53 30.91 1.52 5.04
C ARG A 53 31.14 0.03 5.16
N GLY A 54 31.71 -0.39 6.30
CA GLY A 54 31.98 -1.78 6.54
C GLY A 54 31.51 -2.21 7.92
N GLY A 55 31.50 -3.52 8.14
CA GLY A 55 31.27 -4.06 9.48
C GLY A 55 29.98 -3.56 10.11
N LYS A 56 30.07 -3.13 11.37
CA LYS A 56 28.90 -2.68 12.11
C LYS A 56 28.26 -1.45 11.46
N GLU A 57 29.00 -0.73 10.63
CA GLU A 57 28.49 0.53 10.10
CA GLU A 57 28.53 0.53 10.06
C GLU A 57 27.56 0.33 8.91
N LYS A 58 27.64 -0.82 8.25
CA LYS A 58 26.82 -1.07 7.04
C LYS A 58 25.33 -0.83 7.30
N GLN A 59 24.83 -1.28 8.45
CA GLN A 59 23.41 -1.18 8.73
CA GLN A 59 23.41 -1.19 8.70
C GLN A 59 22.95 0.24 8.95
N SER A 60 23.87 1.20 9.04
CA SER A 60 23.47 2.59 9.21
C SER A 60 23.21 3.32 7.89
N THR A 61 23.25 2.62 6.76
CA THR A 61 22.77 3.15 5.49
C THR A 61 21.63 2.27 5.04
N ALA A 62 20.59 2.87 4.47
CA ALA A 62 19.46 2.09 3.95
C ALA A 62 18.85 2.81 2.76
N ILE A 63 18.01 2.07 2.03
CA ILE A 63 17.40 2.52 0.78
C ILE A 63 15.88 2.45 0.90
N PHE A 64 15.23 3.48 0.38
CA PHE A 64 13.77 3.55 0.29
C PHE A 64 13.42 3.89 -1.14
N VAL A 65 12.56 3.08 -1.77
CA VAL A 65 12.10 3.30 -3.13
C VAL A 65 10.65 3.75 -3.11
N GLY A 66 10.36 4.82 -3.86
CA GLY A 66 9.01 5.32 -3.97
C GLY A 66 8.67 5.85 -5.34
N GLY A 67 7.55 6.58 -5.41
CA GLY A 67 7.02 7.11 -6.64
C GLY A 67 5.55 6.75 -6.81
N GLY A 68 4.99 7.20 -7.94
CA GLY A 68 3.55 7.12 -8.18
C GLY A 68 3.10 6.03 -9.11
N ASP A 69 4.02 5.22 -9.62
CA ASP A 69 3.75 4.17 -10.60
C ASP A 69 4.21 2.86 -9.96
N MET A 70 3.26 1.98 -9.61
CA MET A 70 3.60 0.78 -8.87
C MET A 70 4.58 -0.10 -9.64
N ALA A 71 4.29 -0.35 -10.91
CA ALA A 71 5.14 -1.22 -11.71
C ALA A 71 6.55 -0.67 -11.81
N ALA A 72 6.68 0.65 -11.97
CA ALA A 72 8.01 1.26 -12.04
C ALA A 72 8.75 1.10 -10.72
N GLY A 73 8.05 1.29 -9.61
CA GLY A 73 8.67 1.10 -8.32
C GLY A 73 9.15 -0.32 -8.12
N GLU A 74 8.34 -1.30 -8.53
CA GLU A 74 8.75 -2.69 -8.45
C GLU A 74 10.04 -2.92 -9.23
N ARG A 75 10.13 -2.36 -10.43
CA ARG A 75 11.30 -2.61 -11.26
CA ARG A 75 11.30 -2.61 -11.26
C ARG A 75 12.55 -1.96 -10.66
N VAL A 76 12.43 -0.76 -10.10
CA VAL A 76 13.58 -0.16 -9.45
C VAL A 76 13.98 -0.97 -8.23
N PHE A 77 13.00 -1.43 -7.44
CA PHE A 77 13.32 -2.20 -6.25
C PHE A 77 14.04 -3.49 -6.60
N GLU A 78 13.60 -4.16 -7.67
CA GLU A 78 14.30 -5.38 -8.11
CA GLU A 78 14.29 -5.37 -8.13
C GLU A 78 15.72 -5.05 -8.55
N ALA A 79 15.93 -3.91 -9.22
CA ALA A 79 17.27 -3.51 -9.64
C ALA A 79 18.16 -3.19 -8.46
N VAL A 80 17.60 -2.65 -7.38
CA VAL A 80 18.37 -2.45 -6.15
C VAL A 80 18.85 -3.80 -5.63
N LYS A 81 17.93 -4.75 -5.49
CA LYS A 81 18.30 -6.04 -4.94
CA LYS A 81 18.27 -6.07 -4.97
C LYS A 81 19.31 -6.75 -5.85
N LYS A 82 19.19 -6.56 -7.17
CA LYS A 82 20.10 -7.20 -8.11
C LYS A 82 21.51 -6.66 -8.00
N ARG A 83 21.69 -5.42 -7.56
CA ARG A 83 23.01 -4.83 -7.46
C ARG A 83 23.79 -5.36 -6.27
N PHE A 84 23.10 -5.76 -5.20
CA PHE A 84 23.77 -6.33 -4.04
C PHE A 84 24.49 -7.64 -4.42
N PHE A 85 25.48 -8.01 -3.62
CA PHE A 85 26.11 -9.31 -3.78
C PHE A 85 26.83 -9.68 -2.50
N GLY A 86 26.73 -10.94 -2.08
CA GLY A 86 27.45 -11.36 -0.91
C GLY A 86 27.06 -10.50 0.27
N PRO A 87 28.03 -10.05 1.05
CA PRO A 87 27.74 -9.15 2.18
C PRO A 87 27.60 -7.69 1.77
N PHE A 88 27.76 -7.37 0.48
CA PHE A 88 27.66 -6.01 -0.03
C PHE A 88 26.19 -5.72 -0.28
N ARG A 89 25.52 -5.24 0.78
CA ARG A 89 24.10 -4.97 0.76
C ARG A 89 23.76 -4.05 1.94
N VAL A 90 22.60 -3.41 1.83
CA VAL A 90 22.00 -2.63 2.92
C VAL A 90 20.52 -3.00 2.94
N SER A 91 19.83 -2.62 4.01
CA SER A 91 18.40 -2.85 4.05
C SER A 91 17.68 -1.94 3.08
N CYS A 92 16.52 -2.41 2.59
CA CYS A 92 15.77 -1.66 1.60
C CYS A 92 14.28 -1.83 1.82
N MET A 93 13.53 -0.81 1.40
CA MET A 93 12.08 -0.75 1.55
C MET A 93 11.49 -0.18 0.27
N LEU A 94 10.35 -0.71 -0.13
CA LEU A 94 9.54 -0.20 -1.23
C LEU A 94 8.23 0.32 -0.67
N ASP A 95 7.84 1.54 -1.01
CA ASP A 95 6.55 2.04 -0.57
C ASP A 95 6.00 3.13 -1.47
N SER A 96 6.01 2.90 -2.78
CA SER A 96 5.54 3.86 -3.77
C SER A 96 4.17 4.42 -3.40
N ASN A 97 4.11 5.72 -3.14
CA ASN A 97 2.87 6.43 -2.89
C ASN A 97 2.16 5.94 -1.63
N GLY A 98 2.89 5.28 -0.74
CA GLY A 98 2.27 4.66 0.42
C GLY A 98 1.61 3.34 0.15
N SER A 99 1.82 2.76 -1.02
CA SER A 99 1.13 1.55 -1.44
C SER A 99 1.21 0.43 -0.42
N ASN A 100 2.42 0.01 -0.03
CA ASN A 100 2.54 -1.12 0.88
C ASN A 100 2.03 -0.79 2.27
N THR A 101 2.44 0.35 2.81
CA THR A 101 2.08 0.65 4.19
C THR A 101 0.60 0.94 4.35
N THR A 102 -0.01 1.62 3.37
CA THR A 102 -1.44 1.94 3.41
CA THR A 102 -1.43 1.90 3.54
C THR A 102 -2.29 0.71 3.15
N ALA A 103 -1.95 -0.03 2.09
CA ALA A 103 -2.72 -1.22 1.80
C ALA A 103 -2.61 -2.21 2.94
N ALA A 104 -1.42 -2.38 3.50
CA ALA A 104 -1.27 -3.29 4.62
C ALA A 104 -2.11 -2.86 5.80
N ALA A 105 -2.12 -1.56 6.12
CA ALA A 105 -2.94 -1.08 7.22
C ALA A 105 -4.42 -1.30 6.94
N GLY A 106 -4.87 -0.90 5.75
CA GLY A 106 -6.28 -0.99 5.44
C GLY A 106 -6.77 -2.42 5.38
N VAL A 107 -6.03 -3.27 4.68
CA VAL A 107 -6.44 -4.66 4.58
C VAL A 107 -6.34 -5.35 5.94
N ALA A 108 -5.29 -5.07 6.71
CA ALA A 108 -5.21 -5.69 8.03
C ALA A 108 -6.42 -5.31 8.88
N LEU A 109 -6.81 -4.04 8.85
CA LEU A 109 -7.94 -3.59 9.66
C LEU A 109 -9.25 -4.22 9.20
N VAL A 110 -9.45 -4.34 7.89
CA VAL A 110 -10.68 -4.92 7.38
C VAL A 110 -10.73 -6.41 7.67
N VAL A 111 -9.63 -7.12 7.43
CA VAL A 111 -9.58 -8.55 7.72
C VAL A 111 -9.86 -8.81 9.20
N LYS A 112 -9.26 -8.01 10.09
CA LYS A 112 -9.51 -8.18 11.51
C LYS A 112 -10.98 -7.93 11.84
N ALA A 113 -11.56 -6.87 11.28
CA ALA A 113 -12.94 -6.55 11.55
C ALA A 113 -13.88 -7.63 11.01
N ALA A 114 -13.48 -8.30 9.93
CA ALA A 114 -14.27 -9.39 9.37
C ALA A 114 -14.13 -10.69 10.14
N GLY A 115 -13.34 -10.70 11.21
CA GLY A 115 -13.19 -11.88 12.04
C GLY A 115 -11.93 -12.67 11.81
N GLY A 116 -11.02 -12.17 10.97
CA GLY A 116 -9.74 -12.79 10.74
C GLY A 116 -9.59 -13.48 9.41
N SER A 117 -10.68 -13.65 8.66
CA SER A 117 -10.62 -14.27 7.37
C SER A 117 -11.58 -13.56 6.41
N VAL A 118 -11.13 -13.38 5.18
CA VAL A 118 -11.98 -12.94 4.07
C VAL A 118 -12.00 -13.97 2.96
N LYS A 119 -11.56 -15.19 3.25
CA LYS A 119 -11.43 -16.20 2.21
C LYS A 119 -12.77 -16.49 1.56
N GLY A 120 -12.79 -16.45 0.22
CA GLY A 120 -13.97 -16.76 -0.54
C GLY A 120 -14.93 -15.61 -0.71
N LYS A 121 -14.75 -14.51 0.00
CA LYS A 121 -15.64 -13.37 -0.12
C LYS A 121 -15.19 -12.48 -1.28
N LYS A 122 -16.10 -11.61 -1.72
CA LYS A 122 -15.87 -10.76 -2.88
CA LYS A 122 -15.85 -10.76 -2.88
CA LYS A 122 -15.84 -10.77 -2.88
C LYS A 122 -15.46 -9.35 -2.44
N ALA A 123 -14.33 -8.89 -2.93
CA ALA A 123 -13.85 -7.55 -2.66
C ALA A 123 -13.73 -6.79 -3.96
N VAL A 124 -14.19 -5.54 -3.96
CA VAL A 124 -14.10 -4.67 -5.12
C VAL A 124 -13.23 -3.48 -4.72
N VAL A 125 -12.20 -3.22 -5.52
CA VAL A 125 -11.32 -2.07 -5.33
C VAL A 125 -11.64 -1.08 -6.41
N LEU A 126 -12.32 0.01 -6.04
CA LEU A 126 -12.66 1.06 -6.98
C LEU A 126 -11.47 1.98 -7.16
N ALA A 127 -11.26 2.42 -8.39
CA ALA A 127 -10.09 3.21 -8.78
C ALA A 127 -8.81 2.53 -8.33
N GLY A 128 -8.73 1.24 -8.58
CA GLY A 128 -7.70 0.39 -8.03
C GLY A 128 -6.40 0.33 -8.81
N THR A 129 -6.22 1.22 -9.77
CA THR A 129 -5.09 1.18 -10.69
C THR A 129 -3.88 1.97 -10.22
N GLY A 130 -3.98 2.75 -9.14
CA GLY A 130 -2.82 3.38 -8.58
C GLY A 130 -2.10 2.44 -7.65
N PRO A 131 -0.98 2.90 -7.10
CA PRO A 131 -0.20 2.03 -6.20
C PRO A 131 -0.99 1.50 -5.02
N VAL A 132 -1.83 2.33 -4.41
CA VAL A 132 -2.56 1.89 -3.23
C VAL A 132 -3.61 0.85 -3.58
N GLY A 133 -4.36 1.08 -4.66
CA GLY A 133 -5.34 0.09 -5.07
C GLY A 133 -4.71 -1.21 -5.50
N MET A 134 -3.55 -1.14 -6.16
CA MET A 134 -2.87 -2.33 -6.64
C MET A 134 -2.34 -3.18 -5.49
N ARG A 135 -1.75 -2.54 -4.47
CA ARG A 135 -1.31 -3.33 -3.33
C ARG A 135 -2.50 -3.81 -2.50
N SER A 136 -3.60 -3.05 -2.44
CA SER A 136 -4.79 -3.52 -1.75
C SER A 136 -5.30 -4.79 -2.41
N ALA A 137 -5.42 -4.77 -3.73
CA ALA A 137 -5.88 -5.93 -4.45
C ALA A 137 -4.97 -7.12 -4.19
N ALA A 138 -3.65 -6.89 -4.20
CA ALA A 138 -2.71 -7.97 -3.96
C ALA A 138 -2.93 -8.61 -2.60
N LEU A 139 -3.05 -7.79 -1.55
CA LEU A 139 -3.14 -8.34 -0.20
C LEU A 139 -4.49 -9.03 0.01
N LEU A 140 -5.56 -8.46 -0.54
CA LEU A 140 -6.86 -9.11 -0.47
C LEU A 140 -6.84 -10.46 -1.16
N ALA A 141 -6.23 -10.53 -2.34
CA ALA A 141 -6.15 -11.80 -3.05
C ALA A 141 -5.30 -12.80 -2.29
N GLY A 142 -4.21 -12.34 -1.65
CA GLY A 142 -3.42 -13.24 -0.83
C GLY A 142 -4.16 -13.80 0.37
N GLU A 143 -5.17 -13.06 0.85
CA GLU A 143 -6.06 -13.51 1.91
C GLU A 143 -7.19 -14.37 1.38
N GLY A 144 -7.19 -14.68 0.08
CA GLY A 144 -8.18 -15.58 -0.49
C GLY A 144 -9.48 -14.95 -0.93
N ALA A 145 -9.58 -13.63 -0.94
CA ALA A 145 -10.77 -12.99 -1.46
C ALA A 145 -10.77 -13.03 -2.98
N GLU A 146 -11.97 -13.01 -3.56
CA GLU A 146 -12.17 -12.80 -4.98
CA GLU A 146 -12.15 -12.81 -4.99
C GLU A 146 -12.17 -11.30 -5.23
N VAL A 147 -11.18 -10.81 -5.96
CA VAL A 147 -10.94 -9.36 -6.08
C VAL A 147 -11.23 -8.89 -7.50
N VAL A 148 -11.98 -7.80 -7.60
CA VAL A 148 -12.19 -7.09 -8.85
C VAL A 148 -11.57 -5.71 -8.69
N LEU A 149 -10.60 -5.41 -9.57
CA LEU A 149 -9.88 -4.14 -9.59
C LEU A 149 -10.47 -3.31 -10.72
N CYS A 150 -11.03 -2.15 -10.37
CA CYS A 150 -11.78 -1.36 -11.33
C CYS A 150 -11.07 -0.04 -11.65
N GLY A 151 -11.31 0.46 -12.86
CA GLY A 151 -10.89 1.79 -13.24
C GLY A 151 -11.75 2.29 -14.38
N ARG A 152 -11.54 3.55 -14.76
CA ARG A 152 -12.39 4.15 -15.78
C ARG A 152 -12.24 3.49 -17.14
N LYS A 153 -11.09 2.91 -17.44
CA LYS A 153 -10.81 2.32 -18.74
CA LYS A 153 -10.81 2.32 -18.74
C LYS A 153 -10.32 0.90 -18.54
N LEU A 154 -10.93 -0.03 -19.28
CA LEU A 154 -10.62 -1.45 -19.11
C LEU A 154 -9.14 -1.74 -19.24
N ASP A 155 -8.46 -1.22 -20.26
CA ASP A 155 -7.09 -1.67 -20.50
C ASP A 155 -6.15 -1.28 -19.37
N LYS A 156 -6.33 -0.08 -18.80
CA LYS A 156 -5.51 0.31 -17.66
C LYS A 156 -5.81 -0.55 -16.43
N ALA A 157 -7.09 -0.89 -16.21
CA ALA A 157 -7.44 -1.80 -15.12
C ALA A 157 -6.84 -3.17 -15.34
N GLN A 158 -6.88 -3.66 -16.58
CA GLN A 158 -6.27 -4.95 -16.89
C GLN A 158 -4.78 -4.94 -16.63
N ALA A 159 -4.08 -3.87 -17.06
CA ALA A 159 -2.65 -3.82 -16.84
C ALA A 159 -2.33 -3.85 -15.35
N ALA A 160 -3.12 -3.15 -14.54
CA ALA A 160 -2.92 -3.16 -13.10
C ALA A 160 -3.15 -4.55 -12.53
N ALA A 161 -4.27 -5.20 -12.92
CA ALA A 161 -4.54 -6.54 -12.42
C ALA A 161 -3.48 -7.52 -12.87
N ASP A 162 -3.04 -7.42 -14.12
CA ASP A 162 -2.00 -8.33 -14.61
C ASP A 162 -0.69 -8.12 -13.88
N SER A 163 -0.36 -6.87 -13.54
CA SER A 163 0.83 -6.59 -12.74
C SER A 163 0.73 -7.25 -11.38
N VAL A 164 -0.40 -7.08 -10.71
CA VAL A 164 -0.63 -7.72 -9.41
C VAL A 164 -0.48 -9.23 -9.54
N ASN A 165 -1.09 -9.81 -10.57
CA ASN A 165 -1.11 -11.26 -10.69
C ASN A 165 0.27 -11.82 -10.96
N LYS A 166 1.10 -11.08 -11.68
CA LYS A 166 2.45 -11.55 -11.93
CA LYS A 166 2.45 -11.54 -11.93
C LYS A 166 3.31 -11.42 -10.68
N ARG A 167 3.21 -10.29 -9.97
CA ARG A 167 4.03 -10.09 -8.79
C ARG A 167 3.65 -11.00 -7.64
N PHE A 168 2.36 -11.32 -7.49
CA PHE A 168 1.86 -12.02 -6.31
C PHE A 168 1.33 -13.42 -6.60
N LYS A 169 1.32 -13.84 -7.86
CA LYS A 169 0.88 -15.18 -8.24
C LYS A 169 -0.58 -15.42 -7.88
N VAL A 170 -1.41 -14.41 -8.05
CA VAL A 170 -2.83 -14.45 -7.73
C VAL A 170 -3.63 -14.25 -9.00
N ASN A 171 -4.95 -14.11 -8.85
CA ASN A 171 -5.85 -14.05 -9.98
C ASN A 171 -6.93 -12.99 -9.78
N VAL A 172 -6.47 -11.74 -9.60
CA VAL A 172 -7.34 -10.57 -9.57
C VAL A 172 -7.92 -10.36 -10.95
N THR A 173 -9.18 -9.96 -11.01
CA THR A 173 -9.78 -9.63 -12.30
CA THR A 173 -9.90 -9.64 -12.24
C THR A 173 -10.01 -8.13 -12.39
N ALA A 174 -10.08 -7.64 -13.62
CA ALA A 174 -10.23 -6.22 -13.89
C ALA A 174 -11.63 -5.93 -14.41
N ALA A 175 -12.11 -4.73 -14.14
CA ALA A 175 -13.37 -4.27 -14.70
C ALA A 175 -13.30 -2.79 -15.02
N GLU A 176 -14.03 -2.40 -16.04
CA GLU A 176 -14.17 -1.01 -16.43
C GLU A 176 -15.41 -0.43 -15.75
N THR A 177 -15.21 0.66 -15.00
CA THR A 177 -16.29 1.40 -14.37
C THR A 177 -16.06 2.86 -14.72
N ALA A 178 -16.68 3.31 -15.81
CA ALA A 178 -16.36 4.61 -16.37
C ALA A 178 -16.98 5.77 -15.59
N ASP A 179 -18.04 5.52 -14.82
CA ASP A 179 -18.78 6.61 -14.20
C ASP A 179 -19.45 6.13 -12.92
N ASP A 180 -20.16 7.04 -12.26
CA ASP A 180 -20.82 6.73 -10.99
C ASP A 180 -21.73 5.51 -11.13
N ALA A 181 -22.57 5.49 -12.16
CA ALA A 181 -23.54 4.41 -12.29
C ALA A 181 -22.84 3.06 -12.42
N SER A 182 -21.74 3.00 -13.17
CA SER A 182 -21.04 1.74 -13.35
CA SER A 182 -21.02 1.74 -13.35
C SER A 182 -20.33 1.32 -12.07
N ARG A 183 -19.79 2.28 -11.31
CA ARG A 183 -19.19 1.94 -10.01
C ARG A 183 -20.25 1.39 -9.06
N ALA A 184 -21.45 1.98 -9.08
CA ALA A 184 -22.51 1.50 -8.21
C ALA A 184 -22.94 0.09 -8.60
N GLU A 185 -22.93 -0.22 -9.90
CA GLU A 185 -23.25 -1.58 -10.32
CA GLU A 185 -23.25 -1.58 -10.32
C GLU A 185 -22.17 -2.55 -9.90
N ALA A 186 -20.91 -2.12 -9.93
CA ALA A 186 -19.79 -3.02 -9.68
C ALA A 186 -19.75 -3.51 -8.24
N VAL A 187 -20.31 -2.75 -7.30
CA VAL A 187 -20.27 -3.16 -5.90
C VAL A 187 -21.43 -4.07 -5.52
N LYS A 188 -22.39 -4.26 -6.41
CA LYS A 188 -23.53 -5.11 -6.08
C LYS A 188 -23.05 -6.54 -5.90
N GLY A 189 -23.48 -7.15 -4.79
CA GLY A 189 -23.03 -8.48 -4.44
C GLY A 189 -21.71 -8.56 -3.73
N ALA A 190 -20.98 -7.45 -3.62
CA ALA A 190 -19.68 -7.50 -2.97
C ALA A 190 -19.85 -7.54 -1.45
N HIS A 191 -18.87 -8.13 -0.79
CA HIS A 191 -18.80 -8.11 0.66
C HIS A 191 -17.95 -6.98 1.16
N PHE A 192 -16.89 -6.63 0.45
CA PHE A 192 -15.97 -5.59 0.87
C PHE A 192 -15.75 -4.64 -0.29
N VAL A 193 -15.75 -3.34 0.00
CA VAL A 193 -15.47 -2.34 -1.03
C VAL A 193 -14.39 -1.42 -0.50
N PHE A 194 -13.34 -1.23 -1.30
CA PHE A 194 -12.27 -0.29 -1.01
C PHE A 194 -12.31 0.80 -2.08
N THR A 195 -12.19 2.06 -1.67
CA THR A 195 -12.03 3.17 -2.62
C THR A 195 -10.59 3.68 -2.54
N ALA A 196 -9.89 3.57 -3.65
CA ALA A 196 -8.48 3.96 -3.77
C ALA A 196 -8.31 5.04 -4.84
N GLY A 197 -9.29 5.93 -4.94
CA GLY A 197 -9.23 6.99 -5.93
C GLY A 197 -8.24 8.07 -5.57
N ALA A 198 -7.86 8.83 -6.59
CA ALA A 198 -7.01 9.98 -6.42
C ALA A 198 -7.61 10.97 -5.42
N ILE A 199 -6.74 11.82 -4.90
CA ILE A 199 -7.07 12.64 -3.74
C ILE A 199 -8.21 13.61 -4.06
N GLY A 200 -9.11 13.74 -3.10
CA GLY A 200 -10.15 14.74 -3.21
C GLY A 200 -11.30 14.40 -4.14
N LEU A 201 -11.56 13.12 -4.35
CA LEU A 201 -12.63 12.67 -5.23
C LEU A 201 -13.56 11.70 -4.50
N GLU A 202 -14.86 11.87 -4.70
CA GLU A 202 -15.82 10.87 -4.26
C GLU A 202 -16.00 9.81 -5.35
N LEU A 203 -15.89 8.55 -4.97
CA LEU A 203 -16.11 7.44 -5.88
CA LEU A 203 -16.11 7.44 -5.89
C LEU A 203 -17.37 6.65 -5.60
N LEU A 204 -17.85 6.64 -4.37
CA LEU A 204 -18.94 5.77 -3.96
C LEU A 204 -19.90 6.55 -3.08
N PRO A 205 -20.95 7.11 -3.67
CA PRO A 205 -21.92 7.86 -2.88
C PRO A 205 -22.61 6.99 -1.84
N GLN A 206 -23.15 7.66 -0.84
CA GLN A 206 -23.85 7.00 0.26
CA GLN A 206 -23.85 7.00 0.26
C GLN A 206 -24.88 6.00 -0.26
N ALA A 207 -25.68 6.39 -1.24
CA ALA A 207 -26.76 5.53 -1.73
C ALA A 207 -26.26 4.32 -2.50
N ALA A 208 -24.99 4.32 -2.90
CA ALA A 208 -24.44 3.23 -3.70
C ALA A 208 -23.90 2.09 -2.86
N TRP A 209 -23.80 2.26 -1.53
CA TRP A 209 -23.39 1.13 -0.69
C TRP A 209 -24.32 0.82 0.46
N GLN A 210 -25.03 1.80 1.03
CA GLN A 210 -25.77 1.54 2.26
CA GLN A 210 -25.77 1.54 2.26
C GLN A 210 -27.01 0.69 2.02
N ASN A 211 -27.48 0.59 0.79
CA ASN A 211 -28.66 -0.20 0.45
C ASN A 211 -28.32 -1.53 -0.19
N GLU A 212 -27.05 -1.91 -0.23
CA GLU A 212 -26.62 -3.18 -0.82
C GLU A 212 -26.44 -4.18 0.32
N SER A 213 -27.35 -5.16 0.40
CA SER A 213 -27.36 -6.01 1.58
CA SER A 213 -27.38 -6.06 1.54
C SER A 213 -26.05 -6.79 1.73
N SER A 214 -25.41 -7.18 0.64
CA SER A 214 -24.22 -8.02 0.73
C SER A 214 -23.02 -7.31 1.37
N ILE A 215 -22.95 -5.98 1.26
CA ILE A 215 -21.75 -5.27 1.69
C ILE A 215 -21.64 -5.34 3.21
N GLU A 216 -20.48 -5.77 3.69
CA GLU A 216 -20.19 -5.90 5.10
C GLU A 216 -19.31 -4.78 5.62
N ILE A 217 -18.23 -4.47 4.90
CA ILE A 217 -17.28 -3.46 5.33
C ILE A 217 -16.85 -2.65 4.12
N VAL A 218 -16.77 -1.34 4.30
CA VAL A 218 -16.23 -0.43 3.30
C VAL A 218 -15.01 0.26 3.90
N ALA A 219 -14.07 0.63 3.02
CA ALA A 219 -12.81 1.25 3.43
C ALA A 219 -12.42 2.27 2.38
N ASP A 220 -12.06 3.48 2.84
CA ASP A 220 -11.73 4.59 1.95
C ASP A 220 -10.35 5.13 2.30
N TYR A 221 -9.49 5.24 1.31
CA TYR A 221 -8.16 5.77 1.54
C TYR A 221 -8.05 7.29 1.37
N ASN A 222 -9.02 7.95 0.74
CA ASN A 222 -8.87 9.37 0.44
C ASN A 222 -9.19 10.21 1.68
N ALA A 223 -8.21 10.99 2.13
CA ALA A 223 -8.37 11.85 3.30
C ALA A 223 -8.83 13.27 2.98
N GLN A 224 -8.70 13.71 1.73
CA GLN A 224 -9.05 15.10 1.42
C GLN A 224 -10.51 15.20 1.00
N PRO A 225 -11.29 16.06 1.64
CA PRO A 225 -12.68 16.21 1.22
C PRO A 225 -12.77 16.66 -0.22
N PRO A 226 -13.80 16.20 -0.96
CA PRO A 226 -14.80 15.23 -0.51
C PRO A 226 -14.25 13.80 -0.45
N LEU A 227 -14.66 13.07 0.58
CA LEU A 227 -14.13 11.74 0.83
C LEU A 227 -14.52 10.78 -0.29
N GLY A 228 -13.72 9.72 -0.41
CA GLY A 228 -13.97 8.73 -1.44
C GLY A 228 -15.31 8.02 -1.31
N ILE A 229 -15.76 7.82 -0.08
CA ILE A 229 -17.05 7.18 0.19
C ILE A 229 -17.95 8.20 0.87
N GLY A 230 -19.15 8.36 0.32
CA GLY A 230 -20.15 9.19 0.95
C GLY A 230 -20.80 8.50 2.13
N GLY A 231 -21.20 9.30 3.11
CA GLY A 231 -21.91 8.77 4.25
C GLY A 231 -21.04 8.26 5.37
N ILE A 232 -19.72 8.50 5.32
CA ILE A 232 -18.82 8.09 6.39
C ILE A 232 -17.98 9.29 6.82
N ASP A 233 -17.31 9.13 7.95
CA ASP A 233 -16.34 10.09 8.44
CA ASP A 233 -16.34 10.11 8.42
C ASP A 233 -14.93 9.55 8.28
N ALA A 234 -13.99 10.45 8.00
CA ALA A 234 -12.62 10.02 7.75
C ALA A 234 -11.99 9.33 8.95
N THR A 235 -12.39 9.68 10.16
CA THR A 235 -11.84 9.04 11.36
C THR A 235 -12.47 7.68 11.67
N ASP A 236 -13.47 7.25 10.90
CA ASP A 236 -14.13 5.99 11.21
C ASP A 236 -13.10 4.85 11.18
N LYS A 237 -13.21 3.96 12.17
CA LYS A 237 -12.28 2.85 12.29
C LYS A 237 -13.11 1.62 12.70
N GLY A 238 -13.97 1.20 11.78
CA GLY A 238 -14.92 0.13 12.06
C GLY A 238 -16.25 0.61 12.58
N LYS A 239 -16.56 1.89 12.42
CA LYS A 239 -17.83 2.42 12.89
C LYS A 239 -19.00 1.72 12.21
N GLU A 240 -20.04 1.45 12.99
CA GLU A 240 -21.22 0.76 12.46
CA GLU A 240 -21.21 0.75 12.46
C GLU A 240 -22.18 1.74 11.79
N TYR A 241 -22.67 1.33 10.62
CA TYR A 241 -23.72 2.01 9.88
C TYR A 241 -24.72 0.91 9.54
N GLY A 242 -25.78 0.81 10.33
CA GLY A 242 -26.67 -0.33 10.18
C GLY A 242 -25.92 -1.60 10.48
N GLY A 243 -26.03 -2.57 9.59
CA GLY A 243 -25.29 -3.79 9.77
C GLY A 243 -23.93 -3.81 9.15
N LYS A 244 -23.42 -2.66 8.70
CA LYS A 244 -22.14 -2.56 8.01
C LYS A 244 -21.15 -1.79 8.88
N ARG A 245 -19.88 -1.89 8.50
N ARG A 245 -19.87 -1.88 8.52
CA ARG A 245 -18.81 -1.14 9.19
CA ARG A 245 -18.83 -1.13 9.19
C ARG A 245 -18.00 -0.36 8.15
C ARG A 245 -18.03 -0.35 8.15
N ALA A 246 -17.45 0.76 8.58
CA ALA A 246 -16.68 1.61 7.70
C ALA A 246 -15.34 2.00 8.32
N PHE A 247 -14.31 2.03 7.46
CA PHE A 247 -13.00 2.56 7.78
C PHE A 247 -12.74 3.76 6.87
N GLY A 248 -12.49 4.91 7.48
CA GLY A 248 -12.13 6.11 6.75
C GLY A 248 -10.63 6.30 6.69
N ALA A 249 -10.24 7.30 5.89
CA ALA A 249 -8.84 7.45 5.54
C ALA A 249 -7.96 7.76 6.74
N LEU A 250 -8.49 8.51 7.72
CA LEU A 250 -7.71 8.81 8.91
C LEU A 250 -7.68 7.64 9.88
N GLY A 251 -8.74 6.85 9.95
CA GLY A 251 -8.68 5.62 10.73
C GLY A 251 -7.61 4.67 10.20
N ILE A 252 -7.56 4.52 8.87
CA ILE A 252 -6.51 3.70 8.26
C ILE A 252 -5.17 4.39 8.40
N GLY A 253 -5.14 5.71 8.17
CA GLY A 253 -3.89 6.43 8.10
C GLY A 253 -3.10 6.42 9.39
N GLY A 254 -3.77 6.40 10.53
CA GLY A 254 -3.04 6.33 11.78
C GLY A 254 -2.18 5.09 11.87
N LEU A 255 -2.74 3.94 11.48
CA LEU A 255 -1.97 2.71 11.46
C LEU A 255 -0.91 2.75 10.37
N LYS A 256 -1.28 3.27 9.20
CA LYS A 256 -0.27 3.36 8.10
C LYS A 256 0.96 4.15 8.57
N LEU A 257 0.73 5.26 9.27
CA LEU A 257 1.86 6.08 9.71
CA LEU A 257 1.85 6.09 9.73
C LEU A 257 2.70 5.35 10.75
N LYS A 258 2.07 4.72 11.73
CA LYS A 258 2.82 3.97 12.72
CA LYS A 258 2.81 3.96 12.72
C LYS A 258 3.62 2.85 12.07
N LEU A 259 3.01 2.16 11.09
CA LEU A 259 3.67 1.07 10.40
C LEU A 259 4.86 1.57 9.57
N HIS A 260 4.65 2.64 8.82
CA HIS A 260 5.72 3.21 8.01
C HIS A 260 6.89 3.65 8.88
N ARG A 261 6.61 4.36 9.98
CA ARG A 261 7.68 4.77 10.86
CA ARG A 261 7.67 4.78 10.88
CA ARG A 261 7.67 4.78 10.88
C ARG A 261 8.42 3.58 11.45
N ALA A 262 7.69 2.52 11.81
CA ALA A 262 8.33 1.35 12.40
C ALA A 262 9.25 0.67 11.40
N CYS A 263 8.85 0.64 10.13
CA CYS A 263 9.69 0.03 9.10
C CYS A 263 10.96 0.83 8.89
N ILE A 264 10.88 2.17 8.92
CA ILE A 264 12.08 2.97 8.79
C ILE A 264 13.08 2.61 9.88
N ALA A 265 12.62 2.53 11.13
CA ALA A 265 13.54 2.22 12.21
C ALA A 265 14.21 0.88 11.95
N LYS A 266 13.43 -0.10 11.47
CA LYS A 266 13.98 -1.44 11.27
C LYS A 266 15.04 -1.46 10.17
N LEU A 267 14.98 -0.53 9.21
CA LEU A 267 15.98 -0.49 8.16
C LEU A 267 17.39 -0.34 8.72
N PHE A 268 17.52 0.28 9.89
CA PHE A 268 18.83 0.56 10.47
C PHE A 268 19.23 -0.46 11.53
N GLU A 269 18.42 -1.51 11.72
CA GLU A 269 18.69 -2.55 12.71
C GLU A 269 19.47 -3.71 12.12
N SER A 270 19.64 -3.74 10.80
CA SER A 270 20.31 -4.82 10.09
CA SER A 270 20.42 -4.77 10.12
C SER A 270 20.71 -4.24 8.74
N SER A 271 21.65 -4.89 8.05
CA SER A 271 21.97 -4.53 6.68
C SER A 271 21.35 -5.49 5.68
N GLU A 272 20.41 -6.33 6.10
CA GLU A 272 19.87 -7.41 5.30
CA GLU A 272 19.87 -7.34 5.21
C GLU A 272 18.35 -7.37 5.17
N GLY A 273 17.70 -6.34 5.68
CA GLY A 273 16.25 -6.31 5.65
C GLY A 273 15.71 -5.97 4.26
N VAL A 274 14.55 -6.56 3.97
CA VAL A 274 13.78 -6.29 2.75
C VAL A 274 12.35 -6.04 3.19
N PHE A 275 11.87 -4.82 2.96
CA PHE A 275 10.53 -4.44 3.39
C PHE A 275 9.67 -4.13 2.17
N ASP A 276 8.82 -5.07 1.82
CA ASP A 276 7.87 -4.95 0.71
C ASP A 276 6.57 -5.53 1.23
N ALA A 277 5.63 -5.81 0.33
CA ALA A 277 4.29 -6.20 0.73
C ALA A 277 4.28 -7.32 1.75
N GLU A 278 5.06 -8.37 1.52
CA GLU A 278 4.97 -9.55 2.38
C GLU A 278 5.33 -9.20 3.81
N GLU A 279 6.48 -8.54 4.00
CA GLU A 279 6.94 -8.24 5.34
CA GLU A 279 6.93 -8.25 5.35
C GLU A 279 6.11 -7.14 5.98
N ILE A 280 5.73 -6.13 5.19
CA ILE A 280 4.99 -5.00 5.74
C ILE A 280 3.60 -5.45 6.16
N TYR A 281 2.96 -6.33 5.38
CA TYR A 281 1.64 -6.82 5.76
C TYR A 281 1.72 -7.70 7.00
N LYS A 282 2.75 -8.52 7.11
CA LYS A 282 2.92 -9.32 8.33
CA LYS A 282 2.91 -9.32 8.32
C LYS A 282 2.99 -8.42 9.55
N LEU A 283 3.79 -7.35 9.46
CA LEU A 283 3.90 -6.42 10.57
CA LEU A 283 3.90 -6.41 10.56
C LEU A 283 2.60 -5.69 10.82
N ALA A 284 1.87 -5.33 9.75
CA ALA A 284 0.60 -4.63 9.92
C ALA A 284 -0.39 -5.48 10.71
N LYS A 285 -0.48 -6.77 10.39
CA LYS A 285 -1.42 -7.62 11.10
C LYS A 285 -1.05 -7.72 12.57
N GLU A 286 0.25 -7.78 12.87
CA GLU A 286 0.65 -7.83 14.27
CA GLU A 286 0.69 -7.81 14.27
CA GLU A 286 0.70 -7.81 14.26
C GLU A 286 0.34 -6.51 14.97
N MET A 287 0.55 -5.38 14.29
CA MET A 287 0.27 -4.09 14.92
CA MET A 287 0.27 -4.10 14.90
C MET A 287 -1.23 -3.88 15.11
N ALA A 288 -2.04 -4.36 14.17
CA ALA A 288 -3.49 -4.19 14.31
C ALA A 288 -4.02 -4.97 15.50
N VAL A 289 -3.34 -6.06 15.90
CA VAL A 289 -3.73 -6.82 17.09
C VAL A 289 -3.74 -5.93 18.33
N ASP A 290 -2.85 -4.95 18.38
CA ASP A 290 -2.73 -4.08 19.55
C ASP A 290 -2.95 -2.62 19.17
PA NAP B . -3.47 7.77 -7.51
O1A NAP B . -2.49 6.89 -8.21
O2A NAP B . -3.16 9.22 -7.44
O5B NAP B . -4.92 7.64 -8.16
C5B NAP B . -5.58 6.38 -8.12
C4B NAP B . -6.53 6.23 -9.26
O4B NAP B . -7.59 7.20 -9.18
C3B NAP B . -5.97 6.45 -10.68
O3B NAP B . -5.14 5.42 -11.14
C2B NAP B . -7.26 6.63 -11.48
O2B NAP B . -7.70 5.36 -11.95
C1B NAP B . -8.26 7.16 -10.44
N9A NAP B . -8.76 8.50 -10.77
C8A NAP B . -8.00 9.59 -11.02
N7A NAP B . -8.80 10.63 -11.34
C5A NAP B . -10.06 10.18 -11.32
C6A NAP B . -11.38 10.75 -11.57
N6A NAP B . -11.48 12.05 -11.92
N1A NAP B . -12.44 9.94 -11.44
C2A NAP B . -12.33 8.65 -11.09
N3A NAP B . -11.16 8.06 -10.84
C4A NAP B . -10.04 8.79 -10.94
O3 NAP B . -3.73 7.21 -6.03
PN NAP B . -2.92 6.19 -5.09
O1N NAP B . -1.51 6.59 -4.96
O2N NAP B . -3.21 4.81 -5.55
O5D NAP B . -3.64 6.50 -3.72
C5D NAP B . -5.05 6.29 -3.60
C4D NAP B . -5.61 7.24 -2.57
O4D NAP B . -5.07 6.90 -1.27
C3D NAP B . -5.27 8.72 -2.78
O3D NAP B . -6.39 9.54 -2.45
C2D NAP B . -4.15 8.99 -1.80
O2D NAP B . -4.04 10.31 -1.34
C1D NAP B . -4.60 8.12 -0.63
N1N NAP B . -3.66 7.66 0.35
C2N NAP B . -4.11 7.45 1.59
C3N NAP B . -3.28 6.92 2.57
C7N NAP B . -3.79 6.70 3.96
O7N NAP B . -3.06 6.18 4.79
N7N NAP B . -5.04 7.06 4.22
C4N NAP B . -2.00 6.53 2.22
C5N NAP B . -1.53 6.70 0.94
C6N NAP B . -2.35 7.25 -0.09
P2B NAP B . -8.24 5.12 -13.45
O1X NAP B . -7.52 6.09 -14.37
O2X NAP B . -7.90 3.67 -13.72
O3X NAP B . -9.73 5.35 -13.47
C1 GOL C . -6.57 -10.22 -14.83
O1 GOL C . -6.56 -11.56 -14.42
C2 GOL C . -6.94 -10.23 -16.32
O2 GOL C . -6.03 -10.99 -17.05
C3 GOL C . -7.00 -8.77 -16.77
O3 GOL C . -7.54 -8.76 -18.07
N1 H4M D . 2.35 9.96 -0.27
C2 H4M D . 3.10 8.91 0.07
NA2 H4M D . 4.27 8.68 -0.56
N3 H4M D . 2.72 8.04 1.06
C4 H4M D . 1.56 8.17 1.74
OH4 H4M D . 1.28 7.31 2.60
C4A H4M D . 0.74 9.29 1.41
N5 H4M D . -0.48 9.55 2.01
C6 H4M D . -1.38 10.54 1.45
C7 H4M D . -0.58 11.73 0.91
C7M H4M D . -1.45 12.67 0.13
N8 H4M D . 0.49 11.24 0.04
C8A H4M D . 1.19 10.16 0.39
C9 H4M D . -2.30 10.91 2.60
C9M H4M D . -3.77 10.95 2.18
C10 H4M D . -0.82 9.17 3.34
N10 H4M D . -2.01 9.90 3.63
C11 H4M D . -2.95 10.31 7.69
C12 H4M D . -3.49 11.19 6.78
C13 H4M D . -3.19 11.08 5.42
C14 H4M D . -2.37 10.07 4.98
C15 H4M D . -1.83 9.18 5.93
C16 H4M D . -2.13 9.30 7.25
CX1 H4M D . -3.28 10.43 9.18
CX2 H4M D . -2.67 11.62 9.88
CX3 H4M D . -3.12 11.61 11.39
CX4 H4M D . -2.42 12.62 12.25
CX5 H4M D . -1.07 11.98 12.58
OX2 H4M D . -1.25 11.54 9.71
OX3 H4M D . -4.54 11.84 11.38
OX5 H4M D . -0.02 12.54 11.90
C1 EDO E . 28.97 6.08 -9.26
O1 EDO E . 30.01 5.12 -9.02
C2 EDO E . 29.40 7.44 -8.74
O2 EDO E . 29.57 7.41 -7.31
C1 EDO F . 1.19 -10.97 -0.15
O1 EDO F . -0.18 -11.39 -0.21
C2 EDO F . 1.49 -10.62 1.30
O2 EDO F . 2.05 -11.77 1.91
C1 EDO G . 0.81 4.42 -13.53
O1 EDO G . -0.39 4.17 -14.29
C2 EDO G . 0.40 5.34 -12.38
O2 EDO G . -0.29 4.59 -11.39
C1 EDO H . 9.27 -9.50 7.76
O1 EDO H . 8.41 -10.62 7.57
C2 EDO H . 8.88 -8.68 8.98
O2 EDO H . 7.48 -8.41 8.97
C1 EDO I . -27.54 -4.32 6.87
O1 EDO I . -26.35 -4.53 6.09
C2 EDO I . -28.08 -2.96 6.50
O2 EDO I . -27.28 -1.97 7.14
C1 EDO J . -17.58 -16.87 3.31
O1 EDO J . -17.63 -17.13 4.72
C2 EDO J . -18.99 -16.57 2.79
O2 EDO J . -18.95 -16.41 1.36
C1 EDO K . 29.47 -9.52 -8.08
O1 EDO K . 29.02 -10.87 -8.05
C2 EDO K . 28.72 -8.75 -9.17
O2 EDO K . 27.60 -8.05 -8.59
C1 EDO L . 19.78 -3.04 -14.96
O1 EDO L . 20.61 -4.16 -15.30
C2 EDO L . 18.65 -3.55 -14.07
O2 EDO L . 19.25 -4.42 -13.11
C1 EDO M . 24.14 11.74 14.66
O1 EDO M . 25.28 12.57 14.39
C2 EDO M . 22.85 12.47 14.30
O2 EDO M . 22.91 12.92 12.94
C1 EDO N . -6.03 10.67 -15.15
O1 EDO N . -5.51 9.74 -16.09
C2 EDO N . -7.17 11.46 -15.80
O2 EDO N . -7.95 12.15 -14.81
C1 EDO O . 28.36 -3.55 -13.26
O1 EDO O . 27.99 -4.91 -13.53
C2 EDO O . 27.96 -2.71 -14.46
O2 EDO O . 26.52 -2.65 -14.55
C1 EDO P . -9.97 14.47 6.89
O1 EDO P . -11.01 14.23 5.95
C2 EDO P . -9.54 15.92 6.76
O2 EDO P . -10.60 16.79 7.19
C1 EDO Q . 19.86 -3.00 -15.18
O1 EDO Q . 20.70 -4.16 -15.22
C2 EDO Q . 18.74 -3.22 -14.18
O2 EDO Q . 18.17 -4.52 -14.37
C1 EDO R . 13.17 -8.17 6.35
O1 EDO R . 13.69 -9.31 5.69
C2 EDO R . 12.48 -8.49 7.62
O2 EDO R . 13.17 -8.02 8.76
LI LI S . -7.16 -4.72 -22.63
LI LI T . -19.40 6.64 -8.09
#